data_8S4F
#
_entry.id   8S4F
#
_cell.length_a   62.415
_cell.length_b   73.265
_cell.length_c   120.570
_cell.angle_alpha   90.00
_cell.angle_beta   90.00
_cell.angle_gamma   90.00
#
_symmetry.space_group_name_H-M   'P 21 21 21'
#
loop_
_entity.id
_entity.type
_entity.pdbx_description
1 polymer 'Carbonic anhydrase 1'
2 non-polymer 'ZINC ION'
3 non-polymer 'PROPANOIC ACID'
4 non-polymer 2-AMINO-2-HYDROXYMETHYL-PROPANE-1,3-DIOL
5 non-polymer 'DIMETHYL SULFOXIDE'
6 non-polymer 1,2-ETHANEDIOL
7 non-polymer 3-(cyclooctylamino)-4-ethylsulfonyl-2,5,6-tris(fluoranyl)benzenesulfonamide
8 non-polymer 'ACETIC ACID'
9 water water
#
_entity_poly.entity_id   1
_entity_poly.type   'polypeptide(L)'
_entity_poly.pdbx_seq_one_letter_code
;MSPDWGYDDKNGPEQWSKLYPIANGNNQSPVDIKTSETKHDTSLKPISVSYNPATAKEIINVGHSFHVNFEDNDNRSVLK
GGPFSDSYRLFQFHFHWGSTNEHGSEHTVDGVKYSAELHVAHWNSAKYSSLAEAASKADGLAVIGVLMKVGEANPKLQKV
LDALQAIKTKGKRAPFTNFDPSTLLPSSLDFWTYPGSLTHPPLYESVTWIICKESISVSSEQLAQFRSLLSNVEGDNAVP
MQHNNRPTQPLKGRTVRASF
;
_entity_poly.pdbx_strand_id   A,B
#
# COMPACT_ATOMS: atom_id res chain seq x y z
N ASP A 4 -12.54 0.69 9.94
CA ASP A 4 -12.78 0.07 11.28
C ASP A 4 -12.32 1.00 12.39
N TRP A 5 -11.03 1.38 12.38
CA TRP A 5 -10.46 2.43 13.23
C TRP A 5 -11.05 3.78 12.85
N GLY A 6 -10.94 4.76 13.77
CA GLY A 6 -11.37 6.13 13.51
C GLY A 6 -10.68 7.09 14.48
N TYR A 7 -11.38 8.17 14.86
CA TYR A 7 -10.88 9.20 15.76
C TYR A 7 -11.81 9.35 16.96
N ASP A 8 -12.89 8.53 16.98
CA ASP A 8 -13.86 8.56 18.06
C ASP A 8 -13.32 7.80 19.28
N ASP A 9 -14.04 7.91 20.39
CA ASP A 9 -13.64 7.34 21.66
C ASP A 9 -13.48 5.84 21.55
N LYS A 10 -14.31 5.21 20.73
CA LYS A 10 -14.35 3.75 20.69
C LYS A 10 -13.26 3.20 19.77
N ASN A 11 -12.76 4.00 18.82
CA ASN A 11 -11.94 3.42 17.76
C ASN A 11 -10.74 4.32 17.44
N GLY A 12 -10.47 5.27 18.34
CA GLY A 12 -9.50 6.33 18.04
C GLY A 12 -8.06 6.00 18.44
N PRO A 13 -7.18 7.01 18.40
CA PRO A 13 -5.75 6.86 18.71
C PRO A 13 -5.40 6.02 19.93
N GLU A 14 -6.21 6.11 20.99
CA GLU A 14 -5.84 5.43 22.23
C GLU A 14 -6.08 3.93 22.09
N GLN A 15 -6.87 3.55 21.09
CA GLN A 15 -7.27 2.18 20.83
C GLN A 15 -6.49 1.57 19.67
N TRP A 16 -5.80 2.39 18.87
CA TRP A 16 -5.22 1.84 17.65
C TRP A 16 -4.23 0.69 17.89
N SER A 17 -3.53 0.65 19.04
CA SER A 17 -2.46 -0.32 19.28
C SER A 17 -2.95 -1.77 19.35
N LYS A 18 -4.28 -1.95 19.48
CA LYS A 18 -4.87 -3.27 19.55
C LYS A 18 -4.78 -3.95 18.19
N LEU A 19 -5.09 -3.20 17.13
CA LEU A 19 -4.98 -3.80 15.81
C LEU A 19 -3.68 -3.40 15.11
N TYR A 20 -3.03 -2.31 15.54
CA TYR A 20 -1.80 -1.87 14.92
C TYR A 20 -0.78 -1.65 16.02
N PRO A 21 -0.15 -2.74 16.50
CA PRO A 21 0.83 -2.67 17.59
C PRO A 21 1.97 -1.66 17.45
N ILE A 22 2.38 -1.37 16.19
CA ILE A 22 3.41 -0.38 15.94
C ILE A 22 3.03 1.02 16.43
N ALA A 23 1.76 1.24 16.77
CA ALA A 23 1.33 2.48 17.42
C ALA A 23 2.20 2.81 18.63
N ASN A 24 2.71 1.75 19.32
CA ASN A 24 3.55 1.89 20.49
C ASN A 24 5.04 1.74 20.17
N GLY A 25 5.41 2.02 18.90
CA GLY A 25 6.77 1.84 18.42
C GLY A 25 7.70 3.01 18.77
N ASN A 26 8.93 2.96 18.25
CA ASN A 26 9.97 3.87 18.65
C ASN A 26 10.09 5.06 17.68
N ASN A 27 9.36 5.01 16.56
CA ASN A 27 9.50 6.06 15.54
C ASN A 27 8.11 6.59 15.15
N GLN A 28 7.26 6.82 16.14
CA GLN A 28 5.89 7.25 15.89
C GLN A 28 5.77 8.77 15.78
N SER A 29 4.77 9.18 14.98
CA SER A 29 4.51 10.59 14.74
C SER A 29 3.06 10.89 15.04
N PRO A 30 2.65 12.15 15.30
CA PRO A 30 3.56 13.31 15.35
C PRO A 30 4.30 13.37 16.67
N VAL A 31 5.15 14.38 16.80
CA VAL A 31 5.91 14.67 18.02
C VAL A 31 5.79 16.15 18.35
N ASP A 32 6.12 16.51 19.61
CA ASP A 32 6.39 17.86 20.00
C ASP A 32 7.87 18.14 19.69
N ILE A 33 8.13 19.26 19.01
CA ILE A 33 9.46 19.72 18.73
C ILE A 33 9.83 20.76 19.80
N LYS A 34 10.72 20.33 20.70
CA LYS A 34 11.27 21.26 21.68
C LYS A 34 12.51 21.92 21.10
N THR A 35 12.38 23.22 20.84
CA THR A 35 13.36 23.95 20.02
C THR A 35 14.72 24.03 20.73
N SER A 36 14.72 23.96 22.06
CA SER A 36 15.97 24.02 22.82
C SER A 36 16.79 22.74 22.62
N GLU A 37 16.15 21.66 22.14
CA GLU A 37 16.73 20.33 22.07
C GLU A 37 17.06 19.92 20.63
N THR A 38 16.67 20.78 19.67
CA THR A 38 17.00 20.47 18.27
C THR A 38 18.50 20.57 18.03
N LYS A 39 18.99 19.80 17.06
CA LYS A 39 20.41 19.80 16.72
C LYS A 39 20.57 20.25 15.28
N HIS A 40 21.48 21.19 15.04
CA HIS A 40 21.70 21.63 13.68
C HIS A 40 22.65 20.69 12.98
N ASP A 41 22.26 20.24 11.79
CA ASP A 41 23.04 19.34 10.97
C ASP A 41 23.58 20.11 9.77
N THR A 42 24.92 20.27 9.70
CA THR A 42 25.53 21.09 8.66
C THR A 42 25.43 20.46 7.30
N SER A 43 25.03 19.18 7.24
CA SER A 43 24.90 18.47 5.97
C SER A 43 23.54 18.70 5.32
N LEU A 44 22.57 19.25 6.05
CA LEU A 44 21.25 19.44 5.42
C LEU A 44 21.38 20.46 4.30
N LYS A 45 20.70 20.22 3.22
CA LYS A 45 20.65 21.24 2.20
C LYS A 45 19.28 21.90 2.24
N PRO A 46 19.07 23.07 1.62
CA PRO A 46 17.72 23.62 1.57
C PRO A 46 16.78 22.62 0.88
N ILE A 47 15.48 22.67 1.24
CA ILE A 47 14.43 21.93 0.53
C ILE A 47 14.26 22.62 -0.83
N SER A 48 14.08 21.80 -1.87
CA SER A 48 13.68 22.28 -3.19
C SER A 48 12.39 21.57 -3.61
N VAL A 49 11.32 22.33 -3.87
CA VAL A 49 10.12 21.70 -4.42
C VAL A 49 9.90 22.19 -5.84
N SER A 50 9.59 21.22 -6.71
CA SER A 50 9.43 21.46 -8.15
C SER A 50 8.20 20.66 -8.60
N TYR A 51 7.03 21.29 -8.52
CA TYR A 51 5.77 20.61 -8.82
C TYR A 51 5.17 21.15 -10.12
N ASN A 52 4.63 20.21 -10.91
CA ASN A 52 4.03 20.51 -12.21
C ASN A 52 2.52 20.56 -11.98
N PRO A 53 1.85 21.70 -12.18
CA PRO A 53 0.40 21.84 -11.87
C PRO A 53 -0.48 20.86 -12.66
N ALA A 54 0.10 20.35 -13.79
CA ALA A 54 -0.63 19.41 -14.64
C ALA A 54 -0.66 18.02 -14.02
N THR A 55 0.01 17.83 -12.88
CA THR A 55 -0.05 16.54 -12.22
C THR A 55 -1.25 16.43 -11.27
N ALA A 56 -1.90 17.53 -10.91
CA ALA A 56 -3.11 17.51 -10.08
C ALA A 56 -4.17 16.63 -10.76
N LYS A 57 -4.78 15.73 -10.01
CA LYS A 57 -5.68 14.75 -10.62
C LYS A 57 -7.07 14.76 -9.98
N GLU A 58 -7.20 14.50 -8.65
CA GLU A 58 -8.52 14.19 -8.16
C GLU A 58 -8.60 14.51 -6.67
N ILE A 59 -9.79 14.85 -6.16
CA ILE A 59 -10.02 15.04 -4.73
C ILE A 59 -10.97 13.95 -4.26
N ILE A 60 -10.73 13.41 -3.06
CA ILE A 60 -11.45 12.20 -2.62
C ILE A 60 -11.80 12.32 -1.15
N ASN A 61 -13.04 12.02 -0.78
CA ASN A 61 -13.46 11.97 0.61
C ASN A 61 -13.24 10.56 1.10
N VAL A 62 -12.36 10.34 2.09
CA VAL A 62 -12.08 8.96 2.52
C VAL A 62 -12.67 8.71 3.90
N GLY A 63 -13.67 9.50 4.30
CA GLY A 63 -14.37 9.16 5.54
C GLY A 63 -13.82 9.86 6.77
N HIS A 64 -12.52 9.65 7.04
CA HIS A 64 -11.89 10.34 8.15
C HIS A 64 -11.27 11.67 7.73
N SER A 65 -11.13 11.88 6.42
CA SER A 65 -10.43 13.06 5.93
C SER A 65 -10.73 13.17 4.46
N PHE A 66 -10.02 14.04 3.79
CA PHE A 66 -10.08 14.13 2.34
C PHE A 66 -8.68 14.40 1.82
N HIS A 67 -8.43 13.98 0.59
CA HIS A 67 -7.16 14.38 0.03
C HIS A 67 -7.19 14.68 -1.46
N VAL A 68 -6.15 15.37 -1.90
CA VAL A 68 -5.95 15.66 -3.31
C VAL A 68 -4.79 14.79 -3.78
N ASN A 69 -5.05 13.93 -4.78
CA ASN A 69 -4.00 13.15 -5.42
C ASN A 69 -3.43 13.76 -6.69
N PHE A 70 -2.20 13.33 -6.98
CA PHE A 70 -1.47 13.83 -8.17
C PHE A 70 -0.89 12.65 -8.93
N GLU A 71 -1.03 12.62 -10.26
CA GLU A 71 -0.43 11.58 -11.09
C GLU A 71 1.02 11.29 -10.66
N ASP A 72 1.38 10.01 -10.41
CA ASP A 72 2.71 9.71 -9.85
C ASP A 72 3.45 8.66 -10.69
N ASN A 73 3.08 8.63 -11.97
CA ASN A 73 3.70 7.69 -12.91
C ASN A 73 5.12 8.15 -13.27
N ASP A 74 5.42 9.45 -13.12
CA ASP A 74 6.74 9.93 -13.48
C ASP A 74 7.20 11.00 -12.49
N ASN A 75 8.39 11.56 -12.73
CA ASN A 75 9.00 12.51 -11.80
C ASN A 75 8.79 13.97 -12.24
N ARG A 76 7.62 14.32 -12.77
CA ARG A 76 7.26 15.70 -13.08
C ARG A 76 7.23 16.62 -11.84
N SER A 77 6.83 16.07 -10.66
CA SER A 77 6.60 16.87 -9.46
C SER A 77 7.40 16.21 -8.36
N VAL A 78 8.46 16.91 -7.94
CA VAL A 78 9.40 16.26 -7.01
C VAL A 78 9.88 17.17 -5.90
N LEU A 79 10.14 16.57 -4.76
CA LEU A 79 10.83 17.22 -3.65
C LEU A 79 12.29 16.72 -3.64
N LYS A 80 13.25 17.64 -3.44
CA LYS A 80 14.65 17.24 -3.28
C LYS A 80 15.32 18.11 -2.23
N GLY A 81 16.59 17.80 -1.94
CA GLY A 81 17.31 18.60 -0.98
C GLY A 81 17.02 18.15 0.45
N GLY A 82 17.24 19.08 1.38
CA GLY A 82 17.02 18.72 2.78
C GLY A 82 17.92 17.55 3.20
N PRO A 83 17.37 16.55 3.90
CA PRO A 83 18.15 15.40 4.31
C PRO A 83 18.28 14.32 3.23
N PHE A 84 17.71 14.56 2.04
CA PHE A 84 17.57 13.52 1.03
C PHE A 84 18.72 13.55 0.02
N SER A 85 19.19 12.33 -0.32
CA SER A 85 20.16 12.12 -1.38
C SER A 85 19.53 12.02 -2.77
N ASP A 86 18.24 11.69 -2.84
CA ASP A 86 17.60 11.71 -4.16
C ASP A 86 16.19 12.25 -4.01
N SER A 87 15.48 12.32 -5.14
CA SER A 87 14.22 13.02 -5.23
CA SER A 87 14.22 13.04 -5.18
C SER A 87 13.07 12.12 -4.80
N TYR A 88 12.05 12.76 -4.22
CA TYR A 88 10.84 12.06 -3.85
C TYR A 88 9.71 12.65 -4.70
N ARG A 89 8.78 11.78 -5.10
CA ARG A 89 7.74 12.15 -6.06
C ARG A 89 6.46 12.55 -5.32
N LEU A 90 5.90 13.69 -5.64
CA LEU A 90 4.65 14.13 -5.03
C LEU A 90 3.50 13.17 -5.36
N PHE A 91 2.68 12.81 -4.34
CA PHE A 91 1.51 12.02 -4.67
C PHE A 91 0.22 12.57 -4.09
N GLN A 92 0.32 13.38 -3.00
N GLN A 92 0.23 13.28 -2.94
CA GLN A 92 -0.89 13.80 -2.33
CA GLN A 92 -1.04 13.87 -2.50
C GLN A 92 -0.69 15.03 -1.45
C GLN A 92 -0.74 14.97 -1.48
N PHE A 93 -1.78 15.76 -1.17
CA PHE A 93 -1.77 16.61 0.03
C PHE A 93 -3.12 16.46 0.72
N HIS A 94 -3.08 16.68 2.04
CA HIS A 94 -4.28 16.69 2.89
C HIS A 94 -4.05 17.58 4.13
N PHE A 95 -5.07 17.68 4.98
CA PHE A 95 -5.02 18.47 6.20
C PHE A 95 -5.44 17.60 7.39
N HIS A 96 -5.03 18.06 8.57
CA HIS A 96 -5.64 17.62 9.81
C HIS A 96 -6.18 18.86 10.52
N TRP A 97 -7.25 18.62 11.29
CA TRP A 97 -7.89 19.66 12.09
C TRP A 97 -8.45 19.03 13.36
N GLY A 98 -8.97 19.90 14.22
CA GLY A 98 -9.45 19.42 15.51
C GLY A 98 -10.88 19.87 15.77
N SER A 99 -11.42 19.47 16.92
CA SER A 99 -12.81 19.83 17.26
C SER A 99 -12.96 21.31 17.59
N THR A 100 -11.85 21.95 18.01
CA THR A 100 -11.82 23.37 18.37
C THR A 100 -10.63 24.02 17.66
N ASN A 101 -10.71 25.33 17.47
CA ASN A 101 -9.56 26.05 16.91
C ASN A 101 -8.33 25.91 17.79
N GLU A 102 -8.50 25.55 19.07
CA GLU A 102 -7.41 25.55 20.02
C GLU A 102 -6.38 24.45 19.73
N HIS A 103 -6.83 23.35 19.09
CA HIS A 103 -5.91 22.24 18.86
C HIS A 103 -6.39 21.39 17.70
N GLY A 104 -5.82 21.70 16.54
CA GLY A 104 -6.10 20.89 15.36
C GLY A 104 -4.83 20.36 14.68
N SER A 105 -3.68 20.93 15.03
CA SER A 105 -2.41 20.44 14.43
C SER A 105 -2.06 19.07 14.99
N GLU A 106 -1.19 18.34 14.30
CA GLU A 106 -0.70 17.06 14.85
C GLU A 106 0.63 17.33 15.52
N HIS A 107 1.55 17.99 14.82
CA HIS A 107 2.83 18.38 15.45
C HIS A 107 2.63 19.61 16.32
N THR A 108 3.43 19.74 17.38
CA THR A 108 3.41 20.91 18.24
C THR A 108 4.84 21.42 18.33
N VAL A 109 4.99 22.69 18.71
CA VAL A 109 6.31 23.30 18.84
C VAL A 109 6.38 23.97 20.21
N ASP A 110 7.32 23.46 21.03
CA ASP A 110 7.44 23.91 22.43
C ASP A 110 6.07 23.85 23.11
N GLY A 111 5.32 22.77 22.84
CA GLY A 111 4.02 22.48 23.42
C GLY A 111 2.86 23.32 22.85
N VAL A 112 3.16 24.18 21.86
CA VAL A 112 2.16 25.07 21.29
C VAL A 112 1.39 24.31 20.19
N LYS A 113 0.06 24.26 20.34
CA LYS A 113 -0.83 23.59 19.42
C LYS A 113 -1.40 24.61 18.44
N TYR A 114 -1.37 24.25 17.15
CA TYR A 114 -1.92 25.12 16.13
C TYR A 114 -3.31 24.63 15.75
N SER A 115 -4.00 25.39 14.91
N SER A 115 -4.00 25.40 14.91
CA SER A 115 -5.41 25.10 14.60
CA SER A 115 -5.40 25.14 14.60
C SER A 115 -5.59 23.97 13.60
C SER A 115 -5.61 24.04 13.56
N ALA A 116 -4.58 23.73 12.76
CA ALA A 116 -4.70 22.72 11.71
C ALA A 116 -3.29 22.48 11.18
N GLU A 117 -3.15 21.50 10.28
CA GLU A 117 -1.82 21.19 9.75
C GLU A 117 -1.96 20.65 8.33
N LEU A 118 -1.10 21.15 7.43
CA LEU A 118 -1.11 20.73 6.01
C LEU A 118 0.00 19.69 5.82
N HIS A 119 -0.32 18.59 5.16
CA HIS A 119 0.69 17.54 4.88
C HIS A 119 0.81 17.38 3.37
N VAL A 120 2.03 17.45 2.84
CA VAL A 120 2.25 17.27 1.42
C VAL A 120 3.17 16.04 1.32
N ALA A 121 2.65 14.97 0.71
CA ALA A 121 3.25 13.63 0.82
C ALA A 121 3.92 13.21 -0.48
N HIS A 122 5.09 12.56 -0.35
CA HIS A 122 5.91 12.16 -1.52
C HIS A 122 6.46 10.75 -1.27
N TRP A 123 6.84 10.01 -2.35
CA TRP A 123 7.41 8.69 -2.13
C TRP A 123 8.74 8.53 -2.88
N ASN A 124 9.58 7.61 -2.42
CA ASN A 124 10.96 7.49 -2.92
C ASN A 124 11.02 6.74 -4.24
N SER A 125 11.01 7.52 -5.35
CA SER A 125 10.98 6.94 -6.69
C SER A 125 12.40 6.70 -7.22
N ALA A 126 13.41 7.06 -6.44
CA ALA A 126 14.77 6.64 -6.80
C ALA A 126 14.99 5.16 -6.45
N LYS A 127 14.53 4.73 -5.29
CA LYS A 127 14.86 3.43 -4.73
C LYS A 127 13.75 2.43 -5.03
N TYR A 128 12.51 2.93 -5.15
CA TYR A 128 11.36 2.05 -5.27
C TYR A 128 10.60 2.38 -6.55
N SER A 129 9.72 1.45 -6.93
CA SER A 129 9.07 1.58 -8.21
C SER A 129 7.58 1.95 -8.07
N SER A 130 7.04 1.97 -6.84
CA SER A 130 5.65 2.36 -6.67
C SER A 130 5.42 2.89 -5.26
N LEU A 131 4.38 3.70 -5.11
CA LEU A 131 3.91 4.06 -3.77
C LEU A 131 3.67 2.83 -2.93
N ALA A 132 3.09 1.77 -3.52
CA ALA A 132 2.75 0.61 -2.71
C ALA A 132 3.99 -0.09 -2.17
N GLU A 133 5.09 -0.18 -2.96
CA GLU A 133 6.37 -0.67 -2.48
C GLU A 133 6.96 0.26 -1.42
N ALA A 134 6.90 1.59 -1.66
CA ALA A 134 7.66 2.52 -0.84
C ALA A 134 7.02 2.70 0.54
N ALA A 135 5.71 2.46 0.61
CA ALA A 135 4.95 2.87 1.79
C ALA A 135 5.37 2.21 3.09
N SER A 136 5.98 1.01 3.01
CA SER A 136 6.33 0.29 4.22
C SER A 136 7.84 0.38 4.49
N LYS A 137 8.62 1.12 3.69
CA LYS A 137 10.08 1.15 3.82
C LYS A 137 10.53 2.35 4.67
N ALA A 138 11.59 2.16 5.46
CA ALA A 138 11.98 3.23 6.39
C ALA A 138 12.27 4.53 5.63
N ASP A 139 12.77 4.40 4.39
CA ASP A 139 13.17 5.53 3.55
C ASP A 139 12.18 5.72 2.42
N GLY A 140 10.95 5.27 2.60
CA GLY A 140 10.00 5.24 1.51
C GLY A 140 9.22 6.54 1.27
N LEU A 141 8.88 7.27 2.35
CA LEU A 141 8.00 8.45 2.24
C LEU A 141 8.64 9.68 2.85
N ALA A 142 8.26 10.84 2.28
CA ALA A 142 8.68 12.13 2.80
C ALA A 142 7.47 13.04 2.87
N VAL A 143 7.16 13.60 4.05
CA VAL A 143 5.96 14.42 4.16
C VAL A 143 6.39 15.78 4.73
N ILE A 144 6.00 16.86 4.04
CA ILE A 144 6.21 18.22 4.53
C ILE A 144 4.98 18.59 5.34
N GLY A 145 5.23 19.04 6.60
CA GLY A 145 4.14 19.55 7.40
C GLY A 145 4.25 21.05 7.62
N VAL A 146 3.11 21.73 7.49
CA VAL A 146 3.00 23.15 7.72
C VAL A 146 1.90 23.39 8.76
N LEU A 147 2.31 24.05 9.85
CA LEU A 147 1.37 24.39 10.93
C LEU A 147 0.52 25.58 10.48
N MET A 148 -0.79 25.48 10.77
CA MET A 148 -1.75 26.49 10.32
C MET A 148 -2.31 27.23 11.53
N LYS A 149 -1.99 28.53 11.60
CA LYS A 149 -2.35 29.41 12.71
C LYS A 149 -3.65 30.17 12.42
N VAL A 150 -4.66 29.99 13.28
CA VAL A 150 -5.95 30.64 13.00
C VAL A 150 -5.81 32.16 13.06
N GLY A 151 -6.43 32.82 12.07
CA GLY A 151 -6.31 34.28 11.94
C GLY A 151 -6.98 34.73 10.66
N GLU A 152 -6.23 35.40 9.78
CA GLU A 152 -6.81 35.88 8.54
C GLU A 152 -7.16 34.69 7.66
N ALA A 153 -8.20 34.88 6.83
CA ALA A 153 -8.47 33.85 5.84
C ALA A 153 -7.30 33.73 4.89
N ASN A 154 -7.03 32.47 4.49
CA ASN A 154 -5.95 32.21 3.55
C ASN A 154 -6.50 31.99 2.16
N PRO A 155 -6.23 32.92 1.22
CA PRO A 155 -6.82 32.80 -0.09
C PRO A 155 -6.29 31.64 -0.93
N LYS A 156 -5.08 31.16 -0.60
CA LYS A 156 -4.46 30.07 -1.29
C LYS A 156 -5.25 28.78 -1.11
N LEU A 157 -6.03 28.69 -0.02
CA LEU A 157 -6.91 27.54 0.26
C LEU A 157 -8.18 27.47 -0.59
N GLN A 158 -8.48 28.54 -1.31
CA GLN A 158 -9.78 28.69 -1.95
C GLN A 158 -10.15 27.58 -2.93
N LYS A 159 -9.26 27.23 -3.87
CA LYS A 159 -9.56 26.18 -4.83
C LYS A 159 -9.93 24.92 -4.07
N VAL A 160 -9.20 24.65 -2.97
CA VAL A 160 -9.44 23.39 -2.29
C VAL A 160 -10.79 23.39 -1.57
N LEU A 161 -11.05 24.46 -0.81
CA LEU A 161 -12.30 24.59 -0.10
C LEU A 161 -13.50 24.62 -1.04
N ASP A 162 -13.35 25.29 -2.20
CA ASP A 162 -14.41 25.33 -3.19
C ASP A 162 -14.72 23.95 -3.74
N ALA A 163 -13.76 23.02 -3.68
CA ALA A 163 -14.00 21.71 -4.27
C ALA A 163 -14.80 20.79 -3.35
N LEU A 164 -14.86 21.11 -2.08
CA LEU A 164 -15.36 20.18 -1.07
C LEU A 164 -16.85 19.91 -1.29
N GLN A 165 -17.56 20.89 -1.87
CA GLN A 165 -18.98 20.72 -2.15
C GLN A 165 -19.27 19.51 -3.05
N ALA A 166 -18.27 19.06 -3.85
CA ALA A 166 -18.41 17.98 -4.80
C ALA A 166 -18.10 16.63 -4.14
N ILE A 167 -17.54 16.66 -2.93
CA ILE A 167 -17.13 15.39 -2.30
C ILE A 167 -17.64 15.33 -0.87
N LYS A 168 -18.93 15.62 -0.69
CA LYS A 168 -19.41 15.86 0.66
C LYS A 168 -19.39 14.62 1.52
N THR A 169 -19.67 13.44 0.92
CA THR A 169 -19.79 12.22 1.73
C THR A 169 -18.71 11.17 1.36
N LYS A 170 -18.54 10.22 2.29
CA LYS A 170 -17.48 9.19 2.18
C LYS A 170 -17.52 8.49 0.83
N GLY A 171 -16.36 8.39 0.16
CA GLY A 171 -16.25 7.69 -1.11
C GLY A 171 -16.42 8.56 -2.35
N LYS A 172 -17.02 9.75 -2.18
CA LYS A 172 -17.13 10.66 -3.31
C LYS A 172 -15.76 11.14 -3.77
N ARG A 173 -15.64 11.36 -5.08
CA ARG A 173 -14.41 11.87 -5.65
C ARG A 173 -14.78 12.68 -6.87
N ALA A 174 -13.91 13.64 -7.18
CA ALA A 174 -14.13 14.54 -8.32
C ALA A 174 -12.79 14.94 -8.92
N PRO A 175 -12.74 15.33 -10.21
CA PRO A 175 -11.52 15.86 -10.81
C PRO A 175 -11.04 17.13 -10.09
N PHE A 176 -9.72 17.25 -9.96
CA PHE A 176 -9.11 18.41 -9.32
C PHE A 176 -7.81 18.64 -10.06
N THR A 177 -7.80 19.68 -10.95
CA THR A 177 -6.73 19.77 -11.93
C THR A 177 -6.04 21.14 -11.88
N ASN A 178 -4.85 21.21 -12.51
CA ASN A 178 -4.16 22.49 -12.70
C ASN A 178 -3.95 23.20 -11.35
N PHE A 179 -3.18 22.55 -10.46
CA PHE A 179 -2.93 23.08 -9.12
C PHE A 179 -1.53 22.67 -8.68
N ASP A 180 -0.70 23.67 -8.32
CA ASP A 180 0.63 23.48 -7.78
C ASP A 180 0.55 23.69 -6.27
N PRO A 181 0.69 22.62 -5.44
CA PRO A 181 0.47 22.81 -4.01
C PRO A 181 1.64 23.47 -3.30
N SER A 182 2.70 23.80 -4.04
CA SER A 182 3.76 24.61 -3.40
C SER A 182 3.22 26.01 -3.12
N THR A 183 2.13 26.40 -3.80
CA THR A 183 1.48 27.66 -3.49
C THR A 183 0.94 27.76 -2.05
N LEU A 184 0.82 26.62 -1.40
CA LEU A 184 0.30 26.55 -0.03
C LEU A 184 1.42 26.66 1.00
N LEU A 185 2.68 26.49 0.56
CA LEU A 185 3.75 26.49 1.53
C LEU A 185 4.09 27.91 1.97
N PRO A 186 4.74 28.09 3.14
CA PRO A 186 5.24 29.39 3.57
C PRO A 186 6.33 29.91 2.63
N SER A 187 6.61 31.22 2.74
N SER A 187 6.57 31.23 2.72
CA SER A 187 7.60 31.86 1.89
CA SER A 187 7.62 31.87 1.92
C SER A 187 9.01 31.29 2.11
C SER A 187 8.97 31.18 2.10
N SER A 188 9.38 31.02 3.35
CA SER A 188 10.66 30.41 3.69
C SER A 188 10.42 28.92 3.96
N LEU A 189 11.33 28.08 3.46
CA LEU A 189 11.27 26.65 3.74
C LEU A 189 12.32 26.18 4.75
N ASP A 190 12.69 27.06 5.70
CA ASP A 190 13.40 26.57 6.90
C ASP A 190 12.59 25.48 7.59
N PHE A 191 13.31 24.45 8.06
CA PHE A 191 12.56 23.27 8.55
C PHE A 191 13.26 22.46 9.64
N TRP A 192 12.47 21.59 10.26
CA TRP A 192 13.03 20.62 11.21
C TRP A 192 12.81 19.25 10.56
N THR A 193 13.69 18.28 10.82
CA THR A 193 13.46 16.94 10.25
C THR A 193 13.66 15.85 11.30
N TYR A 194 12.81 14.82 11.30
CA TYR A 194 13.06 13.68 12.16
C TYR A 194 12.48 12.45 11.50
N PRO A 195 13.00 11.24 11.82
CA PRO A 195 12.44 9.99 11.28
C PRO A 195 11.16 9.63 12.03
N GLY A 196 10.05 9.35 11.32
CA GLY A 196 8.79 9.03 11.99
C GLY A 196 7.89 8.11 11.15
N SER A 197 6.56 8.36 11.28
CA SER A 197 5.59 7.36 10.84
C SER A 197 4.43 8.09 10.15
N LEU A 198 3.63 7.28 9.45
CA LEU A 198 2.27 7.69 9.17
C LEU A 198 1.56 8.03 10.48
N THR A 199 0.68 9.03 10.49
CA THR A 199 0.03 9.46 11.76
C THR A 199 -1.32 8.79 11.94
N HIS A 200 -1.71 7.92 11.01
CA HIS A 200 -2.96 7.14 11.17
C HIS A 200 -2.70 5.71 10.71
N PRO A 201 -3.51 4.71 11.14
CA PRO A 201 -3.35 3.35 10.68
C PRO A 201 -3.09 3.20 9.16
N PRO A 202 -2.07 2.42 8.65
CA PRO A 202 -1.37 1.40 9.44
C PRO A 202 -0.13 1.82 10.26
N LEU A 203 0.15 3.14 10.32
CA LEU A 203 1.14 3.72 11.23
C LEU A 203 2.58 3.27 10.94
N TYR A 204 2.87 2.90 9.66
CA TYR A 204 4.19 2.44 9.31
C TYR A 204 5.23 3.51 9.60
N GLU A 205 6.41 3.03 10.01
CA GLU A 205 7.51 3.92 10.34
C GLU A 205 8.34 4.17 9.11
N SER A 206 7.70 4.83 8.14
CA SER A 206 8.22 4.94 6.80
C SER A 206 8.43 6.40 6.39
N VAL A 207 8.22 7.35 7.30
CA VAL A 207 8.13 8.77 6.90
C VAL A 207 9.31 9.57 7.39
N THR A 208 9.98 10.30 6.49
CA THR A 208 10.92 11.33 6.89
C THR A 208 10.06 12.60 6.95
N TRP A 209 9.89 13.22 8.12
CA TRP A 209 9.11 14.44 8.29
C TRP A 209 9.96 15.68 8.04
N ILE A 210 9.38 16.66 7.30
CA ILE A 210 9.97 17.96 7.08
C ILE A 210 8.96 18.96 7.63
N ILE A 211 9.20 19.48 8.85
CA ILE A 211 8.23 20.39 9.44
C ILE A 211 8.75 21.80 9.25
N CYS A 212 7.91 22.63 8.58
CA CYS A 212 8.31 24.02 8.31
C CYS A 212 8.36 24.86 9.59
N LYS A 213 9.40 25.70 9.72
CA LYS A 213 9.50 26.63 10.81
C LYS A 213 8.43 27.70 10.80
N GLU A 214 8.04 28.12 9.58
CA GLU A 214 7.06 29.19 9.44
C GLU A 214 5.68 28.57 9.25
N SER A 215 4.70 29.21 9.89
CA SER A 215 3.31 28.80 9.76
C SER A 215 2.65 29.51 8.58
N ILE A 216 1.46 29.01 8.21
CA ILE A 216 0.55 29.74 7.32
C ILE A 216 -0.77 30.01 8.05
N SER A 217 -1.58 30.92 7.51
N SER A 217 -1.61 30.89 7.47
CA SER A 217 -2.84 31.28 8.19
CA SER A 217 -2.82 31.32 8.13
C SER A 217 -3.98 30.39 7.73
C SER A 217 -4.01 30.46 7.69
N VAL A 218 -5.08 30.51 8.49
CA VAL A 218 -6.37 29.90 8.13
C VAL A 218 -7.41 30.66 8.95
N SER A 219 -8.61 30.89 8.39
CA SER A 219 -9.61 31.53 9.21
C SER A 219 -10.47 30.53 9.99
N SER A 220 -11.13 31.03 11.04
CA SER A 220 -12.10 30.23 11.77
C SER A 220 -13.17 29.62 10.84
N GLU A 221 -13.61 30.40 9.84
CA GLU A 221 -14.69 29.92 8.96
C GLU A 221 -14.13 28.88 7.97
N GLN A 222 -12.87 29.02 7.54
CA GLN A 222 -12.24 28.03 6.68
C GLN A 222 -12.15 26.70 7.43
N LEU A 223 -11.86 26.76 8.75
CA LEU A 223 -11.75 25.50 9.47
C LEU A 223 -13.12 24.84 9.57
N ALA A 224 -14.13 25.70 9.76
CA ALA A 224 -15.51 25.19 9.78
C ALA A 224 -15.87 24.45 8.49
N GLN A 225 -15.37 24.91 7.34
CA GLN A 225 -15.62 24.21 6.10
C GLN A 225 -15.02 22.79 6.14
N PHE A 226 -13.80 22.61 6.70
CA PHE A 226 -13.29 21.25 6.83
C PHE A 226 -14.23 20.39 7.67
N ARG A 227 -14.69 20.94 8.80
CA ARG A 227 -15.50 20.16 9.71
C ARG A 227 -16.90 19.90 9.14
N SER A 228 -17.28 20.55 8.04
CA SER A 228 -18.59 20.34 7.46
C SER A 228 -18.58 19.16 6.47
N LEU A 229 -17.39 18.64 6.16
CA LEU A 229 -17.38 17.40 5.37
C LEU A 229 -17.98 16.30 6.21
N LEU A 230 -18.56 15.31 5.52
CA LEU A 230 -19.28 14.25 6.20
C LEU A 230 -18.51 12.92 6.10
N SER A 231 -18.52 12.18 7.22
CA SER A 231 -17.84 10.88 7.33
C SER A 231 -18.71 9.68 6.92
N ASN A 232 -20.00 9.94 6.77
CA ASN A 232 -20.95 8.89 6.37
C ASN A 232 -21.02 8.80 4.87
N VAL A 233 -21.59 7.69 4.37
CA VAL A 233 -21.90 7.53 2.97
C VAL A 233 -23.23 8.23 2.67
N GLU A 234 -23.37 8.66 1.43
CA GLU A 234 -24.56 9.37 0.97
C GLU A 234 -25.83 8.61 1.32
N GLY A 235 -26.79 9.35 1.87
CA GLY A 235 -28.11 8.80 2.15
C GLY A 235 -28.26 8.52 3.63
N ASP A 236 -27.14 8.19 4.27
CA ASP A 236 -27.12 8.02 5.71
C ASP A 236 -27.17 9.39 6.40
N ASN A 237 -27.49 9.34 7.69
CA ASN A 237 -27.65 10.57 8.46
C ASN A 237 -26.28 11.26 8.53
N ALA A 238 -26.29 12.60 8.38
CA ALA A 238 -25.05 13.34 8.26
C ALA A 238 -24.25 13.32 9.57
N VAL A 239 -22.95 12.95 9.46
CA VAL A 239 -22.07 12.92 10.60
C VAL A 239 -20.84 13.75 10.23
N PRO A 240 -20.69 14.98 10.78
CA PRO A 240 -19.52 15.80 10.46
C PRO A 240 -18.19 15.17 10.83
N MET A 241 -17.20 15.46 10.01
CA MET A 241 -15.82 15.06 10.24
C MET A 241 -15.23 16.11 11.19
N GLN A 242 -15.42 15.92 12.50
CA GLN A 242 -15.15 17.01 13.44
C GLN A 242 -13.65 17.14 13.75
N HIS A 243 -12.92 16.03 13.70
CA HIS A 243 -11.47 16.04 14.07
C HIS A 243 -10.74 14.83 13.48
N ASN A 244 -9.44 14.98 13.24
CA ASN A 244 -8.64 13.88 12.65
C ASN A 244 -7.15 14.04 13.02
N ASN A 245 -6.87 14.65 14.17
CA ASN A 245 -5.48 14.86 14.57
C ASN A 245 -5.08 13.88 15.66
N ARG A 246 -3.90 13.26 15.47
CA ARG A 246 -3.40 12.28 16.45
C ARG A 246 -2.61 13.04 17.51
N PRO A 247 -2.67 12.67 18.82
CA PRO A 247 -1.80 13.30 19.80
C PRO A 247 -0.32 13.05 19.55
N THR A 248 0.54 13.92 20.11
CA THR A 248 1.98 13.70 19.99
C THR A 248 2.43 12.41 20.70
N GLN A 249 3.51 11.84 20.22
CA GLN A 249 4.02 10.55 20.66
C GLN A 249 5.45 10.70 21.16
N PRO A 250 5.93 9.76 22.02
CA PRO A 250 7.27 9.88 22.58
C PRO A 250 8.40 9.84 21.55
N LEU A 251 9.38 10.74 21.77
CA LEU A 251 10.55 10.82 20.92
C LEU A 251 11.40 9.55 20.96
N LYS A 252 11.42 8.85 22.13
CA LYS A 252 12.20 7.62 22.27
C LYS A 252 13.64 7.77 21.77
N GLY A 253 14.30 8.88 22.13
CA GLY A 253 15.72 9.06 21.83
C GLY A 253 16.04 9.60 20.43
N ARG A 254 15.01 9.76 19.59
CA ARG A 254 15.23 10.40 18.29
C ARG A 254 15.70 11.84 18.48
N THR A 255 16.41 12.32 17.47
CA THR A 255 16.85 13.70 17.44
C THR A 255 16.02 14.42 16.37
N VAL A 256 15.54 15.61 16.74
CA VAL A 256 14.97 16.48 15.71
C VAL A 256 16.08 17.39 15.21
N ARG A 257 16.35 17.35 13.90
CA ARG A 257 17.41 18.18 13.32
C ARG A 257 16.83 19.49 12.79
N ALA A 258 17.59 20.56 12.93
CA ALA A 258 17.23 21.88 12.41
C ALA A 258 18.08 22.27 11.22
N SER A 259 17.42 22.82 10.18
CA SER A 259 18.09 23.42 9.04
C SER A 259 18.68 24.77 9.47
N ASP B 4 11.44 -6.92 11.46
CA ASP B 4 11.08 -7.02 10.02
C ASP B 4 10.79 -8.48 9.67
N TRP B 5 9.64 -8.71 9.04
CA TRP B 5 9.06 -10.02 8.85
C TRP B 5 9.76 -10.79 7.74
N GLY B 6 9.59 -12.13 7.74
CA GLY B 6 10.14 -13.00 6.71
C GLY B 6 9.45 -14.35 6.67
N TYR B 7 10.22 -15.40 6.31
CA TYR B 7 9.76 -16.77 6.35
C TYR B 7 10.70 -17.66 7.17
N ASP B 8 11.64 -17.04 7.90
CA ASP B 8 12.49 -17.78 8.84
C ASP B 8 11.72 -18.06 10.14
N ASP B 9 12.25 -18.95 10.99
CA ASP B 9 11.66 -19.17 12.31
C ASP B 9 11.57 -17.87 13.10
N LYS B 10 12.58 -17.02 12.97
CA LYS B 10 12.69 -15.81 13.78
C LYS B 10 11.56 -14.83 13.44
N ASN B 11 11.03 -14.89 12.19
CA ASN B 11 10.26 -13.77 11.68
C ASN B 11 9.20 -14.23 10.69
N GLY B 12 8.94 -15.54 10.72
CA GLY B 12 8.09 -16.19 9.74
C GLY B 12 6.63 -16.23 10.15
N PRO B 13 5.79 -16.95 9.39
CA PRO B 13 4.35 -16.96 9.58
C PRO B 13 3.77 -17.05 11.00
N GLU B 14 4.43 -17.80 11.90
N GLU B 14 4.49 -17.76 11.88
CA GLU B 14 3.92 -17.89 13.25
CA GLU B 14 4.05 -17.99 13.24
C GLU B 14 4.19 -16.60 14.04
C GLU B 14 4.43 -16.83 14.16
N GLN B 15 5.24 -15.89 13.64
CA GLN B 15 5.66 -14.67 14.33
C GLN B 15 4.88 -13.45 13.84
N TRP B 16 4.17 -13.58 12.71
CA TRP B 16 3.60 -12.38 12.10
C TRP B 16 2.54 -11.71 12.98
N SER B 17 1.77 -12.49 13.77
CA SER B 17 0.72 -11.93 14.59
C SER B 17 1.23 -10.86 15.58
N LYS B 18 2.53 -10.83 15.91
CA LYS B 18 3.01 -9.86 16.87
C LYS B 18 2.76 -8.42 16.35
N LEU B 19 3.08 -8.18 15.07
CA LEU B 19 2.90 -6.84 14.54
C LEU B 19 1.66 -6.77 13.67
N TYR B 20 1.15 -7.93 13.25
CA TYR B 20 -0.02 -7.96 12.37
C TYR B 20 -1.06 -8.89 12.98
N PRO B 21 -1.77 -8.42 14.05
CA PRO B 21 -2.81 -9.23 14.69
C PRO B 21 -3.90 -9.82 13.80
N ILE B 22 -4.13 -9.24 12.61
CA ILE B 22 -5.11 -9.79 11.68
C ILE B 22 -4.67 -11.16 11.16
N ALA B 23 -3.43 -11.57 11.43
CA ALA B 23 -2.94 -12.92 11.09
C ALA B 23 -3.90 -13.98 11.65
N ASN B 24 -4.52 -13.64 12.79
CA ASN B 24 -5.42 -14.56 13.47
C ASN B 24 -6.88 -14.18 13.19
N GLY B 25 -7.11 -13.49 12.07
CA GLY B 25 -8.42 -12.97 11.74
C GLY B 25 -9.34 -14.04 11.16
N ASN B 26 -10.51 -13.61 10.69
CA ASN B 26 -11.52 -14.55 10.27
C ASN B 26 -11.59 -14.72 8.74
N ASN B 27 -10.75 -13.98 7.98
CA ASN B 27 -10.79 -14.13 6.54
C ASN B 27 -9.37 -14.34 5.98
N GLN B 28 -8.56 -15.15 6.66
CA GLN B 28 -7.15 -15.29 6.30
C GLN B 28 -6.95 -16.32 5.21
N SER B 29 -5.83 -16.14 4.49
CA SER B 29 -5.49 -16.98 3.34
C SER B 29 -4.05 -17.43 3.47
N PRO B 30 -3.64 -18.56 2.84
CA PRO B 30 -4.50 -19.42 2.03
C PRO B 30 -5.29 -20.40 2.89
N VAL B 31 -6.13 -21.21 2.23
CA VAL B 31 -6.92 -22.24 2.90
C VAL B 31 -6.74 -23.56 2.17
N ASP B 32 -7.14 -24.64 2.86
CA ASP B 32 -7.32 -25.91 2.19
C ASP B 32 -8.75 -25.97 1.64
N ILE B 33 -8.86 -26.28 0.36
CA ILE B 33 -10.14 -26.42 -0.30
C ILE B 33 -10.58 -27.89 -0.17
N LYS B 34 -11.57 -28.12 0.70
CA LYS B 34 -12.14 -29.46 0.84
CA LYS B 34 -12.16 -29.45 0.87
C LYS B 34 -13.31 -29.58 -0.12
N THR B 35 -13.14 -30.40 -1.17
CA THR B 35 -14.07 -30.41 -2.29
C THR B 35 -15.44 -31.02 -1.92
N SER B 36 -15.49 -31.79 -0.84
CA SER B 36 -16.78 -32.30 -0.38
C SER B 36 -17.63 -31.15 0.17
N GLU B 37 -16.99 -30.04 0.59
CA GLU B 37 -17.68 -28.98 1.28
C GLU B 37 -17.82 -27.71 0.45
N THR B 38 -17.40 -27.71 -0.82
CA THR B 38 -17.69 -26.59 -1.69
C THR B 38 -19.15 -26.53 -2.11
N LYS B 39 -19.57 -25.32 -2.51
CA LYS B 39 -20.95 -25.08 -2.91
C LYS B 39 -20.97 -24.62 -4.37
N HIS B 40 -21.62 -25.40 -5.23
CA HIS B 40 -21.74 -24.99 -6.62
C HIS B 40 -22.67 -23.79 -6.69
N ASP B 41 -22.21 -22.71 -7.34
CA ASP B 41 -22.98 -21.49 -7.41
C ASP B 41 -23.26 -21.17 -8.87
N THR B 42 -24.53 -21.27 -9.27
CA THR B 42 -24.92 -21.09 -10.67
C THR B 42 -24.88 -19.63 -11.10
N SER B 43 -24.81 -18.68 -10.15
CA SER B 43 -24.72 -17.27 -10.51
C SER B 43 -23.32 -16.88 -11.00
N LEU B 44 -22.31 -17.72 -10.71
CA LEU B 44 -20.96 -17.35 -11.11
C LEU B 44 -20.85 -17.34 -12.63
N LYS B 45 -20.25 -16.27 -13.16
CA LYS B 45 -19.98 -16.19 -14.59
C LYS B 45 -18.60 -16.76 -14.88
N PRO B 46 -18.28 -17.09 -16.15
CA PRO B 46 -16.92 -17.46 -16.53
C PRO B 46 -15.98 -16.31 -16.19
N ILE B 47 -14.75 -16.67 -15.86
CA ILE B 47 -13.64 -15.73 -15.77
C ILE B 47 -13.26 -15.23 -17.16
N SER B 48 -13.08 -13.91 -17.26
CA SER B 48 -12.64 -13.33 -18.51
C SER B 48 -11.35 -12.54 -18.24
N VAL B 49 -10.23 -12.96 -18.85
CA VAL B 49 -9.03 -12.15 -18.78
C VAL B 49 -8.68 -11.60 -20.16
N SER B 50 -8.24 -10.34 -20.17
CA SER B 50 -7.81 -9.68 -21.39
C SER B 50 -6.64 -8.79 -21.00
N TYR B 51 -5.42 -9.28 -21.25
CA TYR B 51 -4.23 -8.57 -20.87
C TYR B 51 -3.46 -8.14 -22.10
N ASN B 52 -2.93 -6.91 -22.05
CA ASN B 52 -2.15 -6.37 -23.15
C ASN B 52 -0.65 -6.54 -22.83
N PRO B 53 0.14 -7.23 -23.68
CA PRO B 53 1.56 -7.48 -23.38
C PRO B 53 2.38 -6.20 -23.18
N ALA B 54 1.91 -5.10 -23.80
CA ALA B 54 2.64 -3.84 -23.71
C ALA B 54 2.52 -3.22 -22.32
N THR B 55 1.68 -3.81 -21.46
CA THR B 55 1.58 -3.30 -20.08
C THR B 55 2.64 -3.93 -19.16
N ALA B 56 3.33 -4.99 -19.59
CA ALA B 56 4.43 -5.51 -18.77
C ALA B 56 5.49 -4.42 -18.58
N LYS B 57 5.96 -4.29 -17.34
CA LYS B 57 6.82 -3.17 -16.99
C LYS B 57 8.18 -3.64 -16.48
N GLU B 58 8.24 -4.40 -15.36
CA GLU B 58 9.47 -4.52 -14.63
C GLU B 58 9.43 -5.77 -13.76
N ILE B 59 10.59 -6.35 -13.54
CA ILE B 59 10.76 -7.46 -12.61
C ILE B 59 11.65 -7.00 -11.46
N ILE B 60 11.28 -7.39 -10.23
CA ILE B 60 11.87 -6.86 -9.00
C ILE B 60 12.10 -8.00 -8.02
N ASN B 61 13.34 -8.03 -7.45
CA ASN B 61 13.62 -8.92 -6.34
C ASN B 61 13.31 -8.18 -5.06
N VAL B 62 12.34 -8.70 -4.27
CA VAL B 62 11.96 -7.98 -3.06
C VAL B 62 12.44 -8.72 -1.82
N GLY B 63 13.47 -9.58 -1.94
CA GLY B 63 14.01 -10.22 -0.74
C GLY B 63 13.35 -11.55 -0.39
N HIS B 64 12.02 -11.53 -0.20
CA HIS B 64 11.32 -12.77 0.17
C HIS B 64 10.78 -13.47 -1.09
N SER B 65 10.79 -12.74 -2.22
CA SER B 65 10.13 -13.21 -3.43
C SER B 65 10.59 -12.30 -4.55
N PHE B 66 10.04 -12.50 -5.74
CA PHE B 66 10.18 -11.56 -6.86
C PHE B 66 8.81 -11.38 -7.51
N HIS B 67 8.62 -10.26 -8.26
CA HIS B 67 7.38 -10.13 -9.00
C HIS B 67 7.58 -9.32 -10.26
N VAL B 68 6.65 -9.52 -11.18
CA VAL B 68 6.65 -8.74 -12.45
C VAL B 68 5.51 -7.74 -12.33
N ASN B 69 5.82 -6.46 -12.42
CA ASN B 69 4.79 -5.40 -12.31
C ASN B 69 4.26 -5.04 -13.69
N PHE B 70 3.06 -4.46 -13.72
CA PHE B 70 2.43 -4.06 -14.99
C PHE B 70 1.94 -2.61 -14.89
N GLU B 71 2.08 -1.83 -15.96
CA GLU B 71 1.50 -0.50 -16.01
C GLU B 71 0.00 -0.61 -15.73
N ASP B 72 -0.52 0.21 -14.81
CA ASP B 72 -1.88 0.10 -14.35
C ASP B 72 -2.57 1.47 -14.36
N ASN B 73 -2.23 2.28 -15.37
CA ASN B 73 -2.77 3.63 -15.43
C ASN B 73 -4.10 3.61 -16.16
N ASP B 74 -4.41 2.50 -16.87
CA ASP B 74 -5.66 2.43 -17.60
C ASP B 74 -6.12 0.96 -17.64
N ASN B 75 -7.15 0.69 -18.44
CA ASN B 75 -7.84 -0.60 -18.50
C ASN B 75 -7.38 -1.49 -19.66
N ARG B 76 -6.10 -1.34 -20.07
CA ARG B 76 -5.52 -2.18 -21.10
C ARG B 76 -5.53 -3.66 -20.71
N SER B 77 -5.40 -3.96 -19.40
CA SER B 77 -5.27 -5.34 -18.93
C SER B 77 -6.23 -5.56 -17.76
N VAL B 78 -7.31 -6.34 -17.96
CA VAL B 78 -8.36 -6.47 -16.96
C VAL B 78 -8.85 -7.92 -16.80
N LEU B 79 -9.32 -8.21 -15.60
CA LEU B 79 -10.12 -9.38 -15.25
C LEU B 79 -11.59 -8.95 -15.05
N LYS B 80 -12.52 -9.74 -15.61
CA LYS B 80 -13.95 -9.56 -15.40
C LYS B 80 -14.60 -10.93 -15.19
N GLY B 81 -15.86 -10.92 -14.74
CA GLY B 81 -16.58 -12.18 -14.68
C GLY B 81 -16.45 -12.83 -13.32
N GLY B 82 -16.74 -14.14 -13.29
CA GLY B 82 -16.67 -14.89 -12.06
C GLY B 82 -17.65 -14.28 -11.07
N PRO B 83 -17.19 -13.93 -9.84
CA PRO B 83 -18.07 -13.35 -8.82
C PRO B 83 -18.23 -11.83 -8.98
N PHE B 84 -17.55 -11.24 -9.96
CA PHE B 84 -17.36 -9.79 -9.97
C PHE B 84 -18.42 -9.12 -10.83
N SER B 85 -18.91 -7.97 -10.35
CA SER B 85 -19.78 -7.13 -11.21
C SER B 85 -18.87 -6.01 -11.71
N ASP B 86 -17.69 -5.86 -11.09
CA ASP B 86 -16.74 -4.76 -11.45
C ASP B 86 -15.55 -5.27 -12.26
N SER B 87 -14.86 -4.39 -12.97
CA SER B 87 -13.66 -4.76 -13.71
C SER B 87 -12.47 -4.62 -12.75
N TYR B 88 -11.50 -5.57 -12.76
CA TYR B 88 -10.30 -5.38 -11.95
C TYR B 88 -9.06 -5.27 -12.84
N ARG B 89 -8.12 -4.42 -12.45
CA ARG B 89 -7.03 -4.05 -13.33
C ARG B 89 -5.77 -4.85 -12.92
N LEU B 90 -5.10 -5.51 -13.87
CA LEU B 90 -3.89 -6.28 -13.58
C LEU B 90 -2.80 -5.35 -13.06
N PHE B 91 -2.09 -5.79 -12.01
CA PHE B 91 -0.92 -5.01 -11.63
C PHE B 91 0.34 -5.84 -11.45
N GLN B 92 0.24 -7.16 -11.16
CA GLN B 92 1.48 -7.94 -11.04
C GLN B 92 1.18 -9.44 -11.05
N PHE B 93 2.24 -10.23 -11.28
CA PHE B 93 2.15 -11.64 -10.94
C PHE B 93 3.44 -12.07 -10.22
N HIS B 94 3.30 -13.17 -9.48
CA HIS B 94 4.46 -13.70 -8.72
C HIS B 94 4.21 -15.17 -8.42
N PHE B 95 5.14 -15.79 -7.72
CA PHE B 95 5.04 -17.19 -7.36
C PHE B 95 5.31 -17.36 -5.88
N HIS B 96 4.86 -18.50 -5.36
CA HIS B 96 5.29 -19.06 -4.10
C HIS B 96 5.84 -20.46 -4.34
N TRP B 97 6.87 -20.79 -3.56
CA TRP B 97 7.43 -22.13 -3.62
C TRP B 97 7.88 -22.57 -2.23
N GLY B 98 8.29 -23.86 -2.20
CA GLY B 98 8.63 -24.55 -0.97
C GLY B 98 10.09 -25.01 -1.00
N SER B 99 10.59 -25.51 0.15
CA SER B 99 11.99 -25.88 0.25
C SER B 99 12.34 -27.10 -0.61
N THR B 100 11.32 -27.94 -0.86
CA THR B 100 11.48 -29.08 -1.77
C THR B 100 10.17 -29.26 -2.53
N ASN B 101 10.17 -30.24 -3.42
CA ASN B 101 9.05 -30.45 -4.34
C ASN B 101 7.77 -30.84 -3.59
N GLU B 102 7.89 -31.47 -2.42
CA GLU B 102 6.68 -32.04 -1.75
C GLU B 102 5.68 -30.97 -1.31
N HIS B 103 6.14 -29.73 -1.21
CA HIS B 103 5.25 -28.65 -0.73
C HIS B 103 5.69 -27.39 -1.45
N GLY B 104 4.94 -26.31 -1.32
CA GLY B 104 5.41 -25.07 -1.93
C GLY B 104 4.20 -24.25 -2.34
N SER B 105 3.08 -24.93 -2.65
CA SER B 105 1.85 -24.17 -2.91
C SER B 105 1.37 -23.55 -1.59
N GLU B 106 0.54 -22.51 -1.72
CA GLU B 106 -0.08 -21.90 -0.56
C GLU B 106 -1.45 -22.58 -0.35
N HIS B 107 -2.33 -22.49 -1.32
CA HIS B 107 -3.58 -23.29 -1.28
C HIS B 107 -3.27 -24.79 -1.37
N THR B 108 -4.16 -25.57 -0.76
CA THR B 108 -4.17 -27.02 -0.92
C THR B 108 -5.57 -27.46 -1.33
N VAL B 109 -5.66 -28.65 -1.95
CA VAL B 109 -6.95 -29.17 -2.40
C VAL B 109 -7.09 -30.57 -1.81
N ASP B 110 -8.03 -30.72 -0.89
CA ASP B 110 -8.25 -32.00 -0.21
C ASP B 110 -6.97 -32.43 0.51
N GLY B 111 -6.23 -31.45 1.05
CA GLY B 111 -5.01 -31.70 1.82
C GLY B 111 -3.78 -31.96 0.95
N VAL B 112 -3.94 -31.96 -0.37
CA VAL B 112 -2.81 -32.20 -1.26
C VAL B 112 -2.06 -30.87 -1.50
N LYS B 113 -0.74 -30.91 -1.31
CA LYS B 113 0.20 -29.81 -1.50
C LYS B 113 0.86 -29.96 -2.86
N TYR B 114 0.88 -28.84 -3.59
CA TYR B 114 1.55 -28.76 -4.87
C TYR B 114 2.94 -28.15 -4.64
N SER B 115 3.75 -28.09 -5.70
N SER B 115 3.71 -28.05 -5.74
CA SER B 115 5.14 -27.68 -5.53
CA SER B 115 5.13 -27.71 -5.67
C SER B 115 5.31 -26.16 -5.48
C SER B 115 5.38 -26.20 -5.69
N ALA B 116 4.36 -25.45 -6.11
CA ALA B 116 4.47 -24.00 -6.20
C ALA B 116 3.09 -23.45 -6.51
N GLU B 117 2.98 -22.11 -6.57
CA GLU B 117 1.67 -21.51 -6.84
C GLU B 117 1.92 -20.20 -7.58
N LEU B 118 1.17 -19.96 -8.67
CA LEU B 118 1.23 -18.68 -9.35
C LEU B 118 0.09 -17.78 -8.86
N HIS B 119 0.42 -16.50 -8.64
CA HIS B 119 -0.58 -15.51 -8.21
C HIS B 119 -0.62 -14.39 -9.25
N VAL B 120 -1.82 -14.11 -9.78
CA VAL B 120 -1.97 -13.00 -10.74
C VAL B 120 -2.90 -12.00 -10.06
N ALA B 121 -2.39 -10.79 -9.75
CA ALA B 121 -3.07 -9.88 -8.81
C ALA B 121 -3.61 -8.65 -9.53
N HIS B 122 -4.82 -8.25 -9.13
CA HIS B 122 -5.53 -7.14 -9.79
C HIS B 122 -6.19 -6.26 -8.73
N TRP B 123 -6.48 -5.01 -9.08
CA TRP B 123 -7.12 -4.09 -8.12
C TRP B 123 -8.42 -3.51 -8.68
N ASN B 124 -9.33 -3.11 -7.81
CA ASN B 124 -10.67 -2.69 -8.22
C ASN B 124 -10.67 -1.22 -8.69
N SER B 125 -10.53 -1.04 -10.00
CA SER B 125 -10.43 0.32 -10.55
C SER B 125 -11.80 0.91 -10.84
N ALA B 126 -12.84 0.09 -10.69
CA ALA B 126 -14.19 0.64 -10.80
C ALA B 126 -14.54 1.50 -9.58
N LYS B 127 -14.10 1.07 -8.39
CA LYS B 127 -14.49 1.64 -7.12
C LYS B 127 -13.42 2.61 -6.61
N TYR B 128 -12.13 2.30 -6.88
CA TYR B 128 -11.04 3.01 -6.23
C TYR B 128 -10.15 3.58 -7.31
N SER B 129 -9.29 4.52 -6.88
CA SER B 129 -8.50 5.28 -7.84
C SER B 129 -7.04 4.83 -7.93
N SER B 130 -6.60 3.94 -7.01
CA SER B 130 -5.23 3.47 -7.03
C SER B 130 -5.16 2.13 -6.32
N LEU B 131 -4.06 1.42 -6.61
CA LEU B 131 -3.76 0.22 -5.84
C LEU B 131 -3.64 0.54 -4.37
N ALA B 132 -3.01 1.67 -4.03
CA ALA B 132 -2.80 1.99 -2.63
C ALA B 132 -4.14 2.17 -1.88
N GLU B 133 -5.14 2.78 -2.52
CA GLU B 133 -6.46 2.96 -1.94
C GLU B 133 -7.17 1.61 -1.82
N ALA B 134 -7.00 0.76 -2.82
CA ALA B 134 -7.78 -0.47 -2.99
C ALA B 134 -7.26 -1.56 -2.03
N ALA B 135 -5.98 -1.43 -1.63
CA ALA B 135 -5.29 -2.61 -1.09
C ALA B 135 -5.82 -3.01 0.28
N SER B 136 -6.51 -2.09 0.99
CA SER B 136 -6.99 -2.36 2.33
C SER B 136 -8.50 -2.64 2.35
N LYS B 137 -9.19 -2.59 1.19
CA LYS B 137 -10.65 -2.61 1.08
C LYS B 137 -11.13 -4.03 0.88
N ALA B 138 -12.27 -4.41 1.51
CA ALA B 138 -12.75 -5.79 1.42
C ALA B 138 -12.94 -6.24 -0.03
N ASP B 139 -13.29 -5.32 -0.94
CA ASP B 139 -13.53 -5.61 -2.35
C ASP B 139 -12.42 -5.02 -3.22
N GLY B 140 -11.25 -4.79 -2.66
CA GLY B 140 -10.18 -4.03 -3.32
C GLY B 140 -9.36 -4.87 -4.30
N LEU B 141 -9.07 -6.15 -3.97
CA LEU B 141 -8.14 -6.93 -4.77
C LEU B 141 -8.78 -8.25 -5.22
N ALA B 142 -8.31 -8.73 -6.37
CA ALA B 142 -8.72 -10.01 -6.92
C ALA B 142 -7.44 -10.71 -7.36
N VAL B 143 -7.25 -11.94 -6.84
CA VAL B 143 -6.04 -12.67 -7.19
C VAL B 143 -6.44 -14.03 -7.73
N ILE B 144 -5.92 -14.38 -8.90
CA ILE B 144 -6.07 -15.71 -9.49
C ILE B 144 -4.89 -16.55 -9.01
N GLY B 145 -5.20 -17.71 -8.38
CA GLY B 145 -4.15 -18.67 -8.02
C GLY B 145 -4.17 -19.89 -8.92
N VAL B 146 -2.97 -20.30 -9.34
CA VAL B 146 -2.81 -21.51 -10.14
C VAL B 146 -1.83 -22.43 -9.43
N LEU B 147 -2.31 -23.63 -9.06
CA LEU B 147 -1.39 -24.61 -8.49
C LEU B 147 -0.45 -25.16 -9.55
N MET B 148 0.82 -25.34 -9.13
CA MET B 148 1.90 -25.77 -10.03
C MET B 148 2.41 -27.14 -9.56
N LYS B 149 2.17 -28.12 -10.42
CA LYS B 149 2.44 -29.53 -10.12
C LYS B 149 3.75 -29.94 -10.79
N VAL B 150 4.68 -30.49 -10.00
CA VAL B 150 5.99 -30.83 -10.55
C VAL B 150 5.87 -31.93 -11.61
N GLY B 151 6.57 -31.77 -12.74
CA GLY B 151 6.52 -32.69 -13.88
C GLY B 151 7.37 -32.16 -15.04
N GLU B 152 6.75 -32.05 -16.21
CA GLU B 152 7.39 -31.56 -17.42
C GLU B 152 7.78 -30.09 -17.26
N ALA B 153 8.94 -29.71 -17.82
CA ALA B 153 9.31 -28.31 -17.87
C ALA B 153 8.23 -27.50 -18.59
N ASN B 154 7.95 -26.29 -18.06
CA ASN B 154 6.89 -25.46 -18.58
C ASN B 154 7.53 -24.39 -19.43
N PRO B 155 7.40 -24.42 -20.78
CA PRO B 155 8.12 -23.47 -21.60
C PRO B 155 7.58 -22.05 -21.51
N LYS B 156 6.34 -21.89 -21.03
CA LYS B 156 5.76 -20.56 -20.87
C LYS B 156 6.45 -19.82 -19.72
N LEU B 157 7.12 -20.53 -18.81
CA LEU B 157 7.90 -19.86 -17.77
C LEU B 157 9.25 -19.30 -18.24
N GLN B 158 9.64 -19.50 -19.51
CA GLN B 158 11.02 -19.27 -19.92
C GLN B 158 11.45 -17.79 -19.82
N LYS B 159 10.60 -16.87 -20.27
CA LYS B 159 11.02 -15.47 -20.22
C LYS B 159 11.21 -15.06 -18.78
N VAL B 160 10.30 -15.58 -17.92
CA VAL B 160 10.41 -15.22 -16.52
C VAL B 160 11.71 -15.74 -15.93
N LEU B 161 11.99 -17.03 -16.12
CA LEU B 161 13.19 -17.64 -15.53
C LEU B 161 14.47 -17.04 -16.11
N ASP B 162 14.47 -16.73 -17.41
CA ASP B 162 15.62 -16.12 -18.06
C ASP B 162 15.92 -14.75 -17.45
N ALA B 163 14.88 -14.08 -16.90
CA ALA B 163 15.09 -12.71 -16.41
C ALA B 163 15.72 -12.71 -15.03
N LEU B 164 15.67 -13.83 -14.29
CA LEU B 164 16.06 -13.84 -12.89
C LEU B 164 17.56 -13.54 -12.72
N GLN B 165 18.36 -13.87 -13.73
CA GLN B 165 19.78 -13.66 -13.55
C GLN B 165 20.13 -12.18 -13.44
N ALA B 166 19.22 -11.27 -13.89
CA ALA B 166 19.41 -9.83 -13.81
C ALA B 166 18.94 -9.24 -12.48
N ILE B 167 18.25 -10.04 -11.66
CA ILE B 167 17.71 -9.56 -10.40
C ILE B 167 18.10 -10.51 -9.29
N LYS B 168 19.38 -10.87 -9.23
CA LYS B 168 19.76 -11.97 -8.35
C LYS B 168 19.59 -11.68 -6.89
N THR B 169 19.88 -10.43 -6.46
CA THR B 169 19.91 -10.05 -5.06
C THR B 169 18.84 -9.02 -4.75
N LYS B 170 18.51 -8.91 -3.46
CA LYS B 170 17.42 -8.05 -2.99
C LYS B 170 17.54 -6.63 -3.52
N GLY B 171 16.44 -6.06 -4.02
CA GLY B 171 16.43 -4.69 -4.47
C GLY B 171 16.71 -4.53 -5.95
N LYS B 172 17.36 -5.53 -6.60
CA LYS B 172 17.62 -5.37 -8.02
C LYS B 172 16.29 -5.43 -8.77
N ARG B 173 16.23 -4.68 -9.87
CA ARG B 173 15.08 -4.57 -10.72
C ARG B 173 15.54 -4.36 -12.15
N ALA B 174 14.71 -4.79 -13.09
CA ALA B 174 15.05 -4.68 -14.50
C ALA B 174 13.80 -4.51 -15.33
N PRO B 175 13.85 -3.86 -16.52
CA PRO B 175 12.72 -3.86 -17.43
C PRO B 175 12.31 -5.27 -17.80
N PHE B 176 11.00 -5.46 -17.91
CA PHE B 176 10.46 -6.74 -18.34
C PHE B 176 9.19 -6.44 -19.10
N THR B 177 9.26 -6.57 -20.45
CA THR B 177 8.31 -5.96 -21.34
C THR B 177 7.75 -7.00 -22.31
N ASN B 178 6.64 -6.66 -22.92
CA ASN B 178 6.03 -7.43 -24.00
C ASN B 178 5.72 -8.86 -23.53
N PHE B 179 4.89 -8.95 -22.50
CA PHE B 179 4.58 -10.25 -21.90
C PHE B 179 3.13 -10.25 -21.42
N ASP B 180 2.36 -11.23 -21.90
CA ASP B 180 0.97 -11.44 -21.54
C ASP B 180 0.86 -12.62 -20.58
N PRO B 181 0.62 -12.40 -19.27
CA PRO B 181 0.64 -13.51 -18.33
C PRO B 181 -0.56 -14.44 -18.39
N SER B 182 -1.58 -14.13 -19.19
CA SER B 182 -2.63 -15.12 -19.44
C SER B 182 -2.07 -16.39 -20.08
N THR B 183 -0.90 -16.29 -20.74
CA THR B 183 -0.21 -17.42 -21.32
C THR B 183 0.23 -18.44 -20.28
N LEU B 184 0.32 -18.02 -19.01
CA LEU B 184 0.68 -18.93 -17.93
C LEU B 184 -0.54 -19.64 -17.36
N LEU B 185 -1.77 -19.18 -17.62
CA LEU B 185 -2.95 -19.81 -17.04
C LEU B 185 -3.26 -21.15 -17.70
N PRO B 186 -3.96 -22.04 -16.98
CA PRO B 186 -4.37 -23.34 -17.53
C PRO B 186 -5.42 -23.18 -18.61
N SER B 187 -5.65 -24.27 -19.36
N SER B 187 -5.67 -24.31 -19.29
CA SER B 187 -6.62 -24.26 -20.46
CA SER B 187 -6.56 -24.37 -20.44
C SER B 187 -8.05 -24.05 -19.95
C SER B 187 -8.03 -24.22 -20.05
N SER B 188 -8.43 -24.78 -18.89
CA SER B 188 -9.72 -24.55 -18.27
C SER B 188 -9.57 -23.40 -17.30
N LEU B 189 -10.60 -22.53 -17.21
CA LEU B 189 -10.63 -21.56 -16.12
C LEU B 189 -11.78 -21.87 -15.17
N ASP B 190 -12.21 -23.16 -15.10
CA ASP B 190 -13.03 -23.53 -13.97
C ASP B 190 -12.34 -23.17 -12.66
N PHE B 191 -13.10 -22.71 -11.66
CA PHE B 191 -12.45 -22.15 -10.48
C PHE B 191 -13.25 -22.34 -9.19
N TRP B 192 -12.58 -22.16 -8.05
CA TRP B 192 -13.17 -21.99 -6.73
C TRP B 192 -12.94 -20.53 -6.35
N THR B 193 -13.87 -19.98 -5.55
CA THR B 193 -13.72 -18.62 -5.06
C THR B 193 -14.15 -18.56 -3.60
N TYR B 194 -13.46 -17.69 -2.85
CA TYR B 194 -13.78 -17.48 -1.42
C TYR B 194 -13.23 -16.11 -1.02
N PRO B 195 -13.79 -15.44 0.01
CA PRO B 195 -13.22 -14.18 0.51
C PRO B 195 -12.01 -14.41 1.44
N GLY B 196 -10.88 -13.76 1.15
CA GLY B 196 -9.71 -13.98 1.98
C GLY B 196 -8.81 -12.75 2.05
N SER B 197 -7.49 -13.03 2.05
CA SER B 197 -6.53 -12.02 2.49
C SER B 197 -5.29 -12.08 1.61
N LEU B 198 -4.46 -11.02 1.74
CA LEU B 198 -3.07 -11.18 1.35
C LEU B 198 -2.45 -12.31 2.18
N THR B 199 -1.49 -13.04 1.59
CA THR B 199 -0.93 -14.18 2.31
C THR B 199 0.40 -13.82 2.97
N HIS B 200 0.82 -12.54 2.92
CA HIS B 200 1.92 -12.13 3.76
C HIS B 200 1.58 -10.76 4.35
N PRO B 201 2.38 -10.28 5.34
CA PRO B 201 2.13 -8.95 5.93
C PRO B 201 2.00 -7.90 4.83
N PRO B 202 1.00 -6.99 4.90
CA PRO B 202 0.17 -6.74 6.08
C PRO B 202 -1.09 -7.57 6.27
N LEU B 203 -1.27 -8.59 5.41
CA LEU B 203 -2.29 -9.61 5.64
C LEU B 203 -3.70 -9.03 5.59
N TYR B 204 -3.91 -7.92 4.86
CA TYR B 204 -5.24 -7.32 4.80
C TYR B 204 -6.28 -8.25 4.17
N GLU B 205 -7.48 -8.23 4.74
CA GLU B 205 -8.57 -9.08 4.29
C GLU B 205 -9.34 -8.42 3.15
N SER B 206 -8.64 -8.29 2.03
CA SER B 206 -9.00 -7.45 0.91
C SER B 206 -9.06 -8.21 -0.40
N VAL B 207 -8.90 -9.55 -0.35
CA VAL B 207 -8.74 -10.35 -1.56
CA VAL B 207 -8.76 -10.31 -1.60
C VAL B 207 -9.91 -11.28 -1.85
N THR B 208 -10.48 -11.18 -3.03
CA THR B 208 -11.35 -12.22 -3.55
C THR B 208 -10.45 -13.18 -4.34
N TRP B 209 -10.32 -14.42 -3.86
CA TRP B 209 -9.44 -15.43 -4.42
C TRP B 209 -10.21 -16.18 -5.51
N ILE B 210 -9.56 -16.39 -6.67
CA ILE B 210 -10.05 -17.23 -7.75
C ILE B 210 -9.02 -18.34 -7.93
N ILE B 211 -9.35 -19.57 -7.46
CA ILE B 211 -8.35 -20.62 -7.50
C ILE B 211 -8.73 -21.56 -8.64
N CYS B 212 -7.82 -21.76 -9.61
CA CYS B 212 -8.14 -22.58 -10.76
C CYS B 212 -8.15 -24.07 -10.37
N LYS B 213 -9.12 -24.79 -10.94
CA LYS B 213 -9.20 -26.23 -10.75
C LYS B 213 -8.02 -26.97 -11.40
N GLU B 214 -7.63 -26.51 -12.59
N GLU B 214 -7.69 -26.60 -12.65
CA GLU B 214 -6.58 -27.17 -13.36
CA GLU B 214 -6.58 -27.23 -13.36
C GLU B 214 -5.21 -26.62 -12.97
C GLU B 214 -5.27 -26.64 -12.86
N SER B 215 -4.28 -27.52 -12.68
CA SER B 215 -2.91 -27.11 -12.41
C SER B 215 -2.13 -26.83 -13.71
N ILE B 216 -0.97 -26.17 -13.55
CA ILE B 216 0.02 -26.05 -14.62
C ILE B 216 1.30 -26.79 -14.16
N SER B 217 2.18 -27.10 -15.12
CA SER B 217 3.39 -27.86 -14.84
CA SER B 217 3.38 -27.87 -14.78
C SER B 217 4.55 -26.95 -14.47
N VAL B 218 5.55 -27.55 -13.82
CA VAL B 218 6.84 -26.92 -13.59
C VAL B 218 7.82 -28.08 -13.40
N SER B 219 9.07 -27.96 -13.89
CA SER B 219 10.03 -29.02 -13.61
C SER B 219 10.75 -28.78 -12.28
N SER B 220 11.34 -29.86 -11.76
N SER B 220 11.34 -29.86 -11.76
CA SER B 220 12.16 -29.81 -10.56
CA SER B 220 12.21 -29.83 -10.60
C SER B 220 13.31 -28.81 -10.76
C SER B 220 13.29 -28.78 -10.77
N GLU B 221 13.84 -28.67 -12.00
CA GLU B 221 14.96 -27.77 -12.26
C GLU B 221 14.46 -26.32 -12.31
N GLN B 222 13.26 -26.08 -12.86
CA GLN B 222 12.65 -24.75 -12.85
C GLN B 222 12.39 -24.27 -11.43
N LEU B 223 11.93 -25.15 -10.51
CA LEU B 223 11.74 -24.79 -9.13
C LEU B 223 13.09 -24.42 -8.50
N ALA B 224 14.13 -25.20 -8.86
CA ALA B 224 15.45 -24.85 -8.38
C ALA B 224 15.86 -23.43 -8.77
N GLN B 225 15.50 -22.94 -9.97
CA GLN B 225 15.87 -21.59 -10.35
C GLN B 225 15.24 -20.57 -9.39
N PHE B 226 13.97 -20.79 -9.00
CA PHE B 226 13.35 -19.91 -8.02
C PHE B 226 14.12 -19.93 -6.70
N ARG B 227 14.50 -21.11 -6.24
CA ARG B 227 15.10 -21.25 -4.93
C ARG B 227 16.55 -20.75 -4.91
N SER B 228 17.12 -20.49 -6.07
CA SER B 228 18.47 -19.97 -6.22
CA SER B 228 18.46 -19.98 -6.26
C SER B 228 18.51 -18.45 -6.20
N LEU B 229 17.34 -17.79 -6.26
CA LEU B 229 17.35 -16.34 -6.07
C LEU B 229 17.85 -16.05 -4.67
N LEU B 230 18.49 -14.89 -4.48
CA LEU B 230 19.07 -14.55 -3.20
C LEU B 230 18.26 -13.46 -2.50
N SER B 231 18.06 -13.70 -1.23
CA SER B 231 17.30 -12.81 -0.37
C SER B 231 18.15 -11.67 0.21
N ASN B 232 19.48 -11.82 0.13
CA ASN B 232 20.39 -10.81 0.65
C ASN B 232 20.65 -9.73 -0.40
N VAL B 233 21.23 -8.57 0.04
CA VAL B 233 21.65 -7.54 -0.90
C VAL B 233 23.03 -7.90 -1.43
N GLU B 234 23.35 -7.40 -2.62
CA GLU B 234 24.67 -7.62 -3.24
C GLU B 234 25.80 -7.35 -2.24
N GLY B 235 26.72 -8.32 -2.21
CA GLY B 235 28.01 -8.19 -1.52
C GLY B 235 27.97 -8.86 -0.15
N ASP B 236 26.76 -9.09 0.37
CA ASP B 236 26.60 -9.78 1.63
C ASP B 236 26.65 -11.28 1.40
N ASN B 237 26.66 -12.03 2.51
CA ASN B 237 26.57 -13.48 2.56
C ASN B 237 25.37 -13.92 1.71
N ALA B 238 25.57 -14.85 0.77
CA ALA B 238 24.48 -15.32 -0.08
C ALA B 238 23.49 -16.11 0.79
N VAL B 239 22.20 -15.79 0.69
CA VAL B 239 21.16 -16.48 1.44
C VAL B 239 20.06 -16.84 0.44
N PRO B 240 20.03 -18.08 -0.12
CA PRO B 240 18.97 -18.42 -1.08
C PRO B 240 17.57 -18.24 -0.48
N MET B 241 16.66 -17.89 -1.38
CA MET B 241 15.24 -17.79 -1.11
C MET B 241 14.64 -19.20 -1.15
N GLN B 242 14.72 -19.96 -0.05
CA GLN B 242 14.40 -21.39 -0.06
CA GLN B 242 14.41 -21.39 -0.13
C GLN B 242 12.90 -21.62 -0.17
N HIS B 243 12.11 -20.78 0.50
CA HIS B 243 10.64 -20.96 0.59
C HIS B 243 9.93 -19.64 0.91
N ASN B 244 8.69 -19.49 0.43
CA ASN B 244 7.90 -18.26 0.68
C ASN B 244 6.40 -18.59 0.78
N ASN B 245 6.04 -19.81 1.19
CA ASN B 245 4.62 -20.20 1.25
C ASN B 245 4.07 -20.17 2.69
N ARG B 246 2.91 -19.54 2.88
CA ARG B 246 2.27 -19.51 4.18
C ARG B 246 1.49 -20.81 4.37
N PRO B 247 1.49 -21.39 5.62
CA PRO B 247 0.54 -22.48 5.92
C PRO B 247 -0.92 -22.12 5.72
N THR B 248 -1.77 -23.11 5.45
CA THR B 248 -3.21 -22.87 5.32
C THR B 248 -3.85 -22.43 6.63
N GLN B 249 -4.93 -21.63 6.56
CA GLN B 249 -5.45 -20.97 7.73
C GLN B 249 -6.89 -21.40 7.95
N PRO B 250 -7.44 -21.28 9.19
CA PRO B 250 -8.80 -21.79 9.45
C PRO B 250 -9.85 -21.06 8.61
N LEU B 251 -10.82 -21.82 8.10
CA LEU B 251 -11.87 -21.29 7.25
C LEU B 251 -12.79 -20.37 8.04
N LYS B 252 -12.93 -20.62 9.36
CA LYS B 252 -13.76 -19.81 10.24
C LYS B 252 -15.16 -19.62 9.62
N GLY B 253 -15.72 -20.71 9.06
CA GLY B 253 -17.10 -20.75 8.60
C GLY B 253 -17.35 -20.10 7.24
N ARG B 254 -16.29 -19.68 6.54
CA ARG B 254 -16.46 -19.17 5.19
C ARG B 254 -16.85 -20.31 4.25
N THR B 255 -17.50 -19.96 3.15
CA THR B 255 -17.90 -20.93 2.16
C THR B 255 -17.03 -20.77 0.93
N VAL B 256 -16.44 -21.89 0.48
CA VAL B 256 -15.76 -21.87 -0.80
C VAL B 256 -16.78 -22.25 -1.87
N ARG B 257 -16.96 -21.36 -2.84
CA ARG B 257 -17.86 -21.63 -3.94
C ARG B 257 -17.11 -22.23 -5.13
N ALA B 258 -17.81 -23.10 -5.88
CA ALA B 258 -17.26 -23.67 -7.10
C ALA B 258 -18.05 -23.18 -8.30
N SER B 259 -17.36 -22.99 -9.42
CA SER B 259 -17.98 -22.56 -10.65
C SER B 259 -18.45 -23.76 -11.48
N PHE B 260 -18.12 -24.95 -10.96
CA PHE B 260 -18.37 -26.20 -11.72
C PHE B 260 -18.85 -27.27 -10.74
#